data_4N8O
#
_entry.id   4N8O
#
_cell.length_a   133.167
_cell.length_b   133.167
_cell.length_c   28.769
_cell.angle_alpha   90.00
_cell.angle_beta   90.00
_cell.angle_gamma   90.00
#
_symmetry.space_group_name_H-M   'I 4'
#
loop_
_entity.id
_entity.type
_entity.pdbx_description
1 polymer 'Cell division protein FtsX'
2 non-polymer 'BROMIDE ION'
3 non-polymer 'POTASSIUM ION'
4 water water
#
_entity_poly.entity_id   1
_entity_poly.type   'polypeptide(L)'
_entity_poly.pdbx_seq_one_letter_code
;SNADSSRAIYLDRVESQVFLTEDVSANDSSCDTTACKALREKIETRSDVKAVRFLNRQQAYDDAIRKFPQFKDVAGKDSF
PASFIVKLENPEQHKDFDTAMKGQPGVLDVLNQKE
;
_entity_poly.pdbx_strand_id   A,B
#
loop_
_chem_comp.id
_chem_comp.type
_chem_comp.name
_chem_comp.formula
BR non-polymer 'BROMIDE ION' 'Br -1'
K non-polymer 'POTASSIUM ION' 'K 1'
#
# COMPACT_ATOMS: atom_id res chain seq x y z
N VAL A 14 -23.81 10.95 -6.70
CA VAL A 14 -22.49 10.60 -7.19
C VAL A 14 -21.58 10.24 -6.02
N GLU A 15 -20.62 9.35 -6.26
CA GLU A 15 -19.72 8.88 -5.22
C GLU A 15 -18.28 8.77 -5.73
N SER A 16 -17.32 9.07 -4.86
CA SER A 16 -15.91 8.89 -5.19
C SER A 16 -15.45 7.48 -4.84
N GLN A 17 -14.54 6.93 -5.63
CA GLN A 17 -14.02 5.59 -5.37
C GLN A 17 -12.51 5.61 -5.15
N VAL A 18 -12.09 5.19 -3.96
CA VAL A 18 -10.68 5.17 -3.58
C VAL A 18 -10.17 3.73 -3.52
N PHE A 19 -9.34 3.35 -4.48
CA PHE A 19 -8.83 1.99 -4.51
C PHE A 19 -7.70 1.81 -3.49
N LEU A 20 -7.60 0.60 -2.93
CA LEU A 20 -6.64 0.32 -1.87
C LEU A 20 -5.51 -0.56 -2.37
N THR A 21 -4.32 -0.35 -1.87
CA THR A 21 -3.22 -1.24 -2.09
C THR A 21 -3.50 -2.65 -1.55
N GLU A 22 -2.67 -3.58 -1.99
CA GLU A 22 -2.84 -4.99 -1.81
C GLU A 22 -2.77 -5.49 -0.38
N ASP A 23 -1.93 -4.85 0.41
CA ASP A 23 -1.78 -5.15 1.79
C ASP A 23 -3.08 -5.16 2.54
N VAL A 24 -4.03 -4.36 2.13
CA VAL A 24 -5.37 -4.43 2.70
C VAL A 24 -6.32 -5.26 1.84
N SER A 25 -6.22 -5.12 0.52
CA SER A 25 -7.10 -5.85 -0.40
C SER A 25 -7.02 -7.37 -0.22
N ALA A 26 -5.83 -7.93 -0.08
CA ALA A 26 -5.71 -9.35 0.14
C ALA A 26 -6.15 -9.81 1.52
N ASN A 27 -5.96 -9.06 2.56
CA ASN A 27 -6.27 -9.62 3.85
C ASN A 27 -7.73 -9.57 4.24
N ASP A 28 -8.32 -8.41 4.11
CA ASP A 28 -9.50 -7.98 4.81
C ASP A 28 -10.82 -7.97 4.04
N SER A 29 -11.78 -8.74 4.49
CA SER A 29 -13.05 -8.78 3.84
C SER A 29 -14.09 -7.79 4.34
N SER A 30 -13.85 -7.11 5.44
CA SER A 30 -14.84 -6.23 6.01
C SER A 30 -14.32 -4.97 6.55
N CYS A 31 -13.07 -4.67 6.26
CA CYS A 31 -12.37 -3.55 6.84
C CYS A 31 -12.29 -3.74 8.34
N ASP A 32 -11.59 -4.77 8.74
CA ASP A 32 -11.54 -5.16 10.14
C ASP A 32 -10.09 -5.32 10.59
N THR A 33 -9.16 -5.12 9.67
CA THR A 33 -7.73 -5.14 9.99
C THR A 33 -7.26 -3.75 10.43
N THR A 34 -6.12 -3.70 11.12
CA THR A 34 -5.59 -2.43 11.62
C THR A 34 -5.41 -1.41 10.51
N ALA A 35 -4.79 -1.86 9.42
CA ALA A 35 -4.51 -0.98 8.28
C ALA A 35 -5.77 -0.38 7.64
N CYS A 36 -6.79 -1.21 7.40
CA CYS A 36 -8.01 -0.74 6.75
C CYS A 36 -8.73 0.31 7.59
N LYS A 37 -8.89 0.01 8.88
CA LYS A 37 -9.63 0.90 9.77
C LYS A 37 -8.91 2.23 9.94
N ALA A 38 -7.58 2.18 10.06
CA ALA A 38 -6.77 3.39 10.22
C ALA A 38 -6.95 4.30 9.02
N LEU A 39 -6.94 3.68 7.84
CA LEU A 39 -7.15 4.39 6.58
C LEU A 39 -8.59 4.88 6.50
N ARG A 40 -9.53 4.07 6.96
CA ARG A 40 -10.93 4.47 6.96
C ARG A 40 -11.15 5.68 7.84
N GLU A 41 -10.48 5.70 8.99
CA GLU A 41 -10.61 6.81 9.95
C GLU A 41 -10.01 8.12 9.43
N LYS A 42 -8.92 8.02 8.68
CA LYS A 42 -8.31 9.22 8.10
C LYS A 42 -9.20 9.85 7.04
N ILE A 43 -9.96 9.02 6.33
CA ILE A 43 -10.88 9.51 5.30
C ILE A 43 -12.16 10.06 5.92
N GLU A 44 -12.69 9.37 6.93
CA GLU A 44 -13.97 9.76 7.54
C GLU A 44 -13.86 11.07 8.32
N THR A 45 -12.70 11.34 8.89
CA THR A 45 -12.54 12.54 9.75
C THR A 45 -12.27 13.83 8.96
N ARG A 46 -12.04 13.71 7.65
CA ARG A 46 -11.90 14.90 6.82
C ARG A 46 -13.21 15.68 6.81
N SER A 47 -13.15 17.01 6.82
CA SER A 47 -14.36 17.82 6.84
C SER A 47 -15.14 17.72 5.53
N ASP A 48 -14.44 17.39 4.44
CA ASP A 48 -15.07 17.33 3.13
C ASP A 48 -15.68 15.94 2.81
N VAL A 49 -15.76 15.07 3.81
CA VAL A 49 -16.31 13.73 3.60
C VAL A 49 -17.57 13.50 4.43
N LYS A 50 -18.63 13.02 3.78
CA LYS A 50 -19.91 12.83 4.45
C LYS A 50 -20.08 11.40 4.96
N ALA A 51 -19.68 10.42 4.14
CA ALA A 51 -19.82 9.01 4.49
C ALA A 51 -18.83 8.15 3.73
N VAL A 52 -18.39 7.07 4.34
CA VAL A 52 -17.45 6.14 3.70
C VAL A 52 -17.97 4.72 3.75
N ARG A 53 -17.94 4.03 2.60
CA ARG A 53 -18.41 2.65 2.51
C ARG A 53 -17.26 1.76 2.02
N PHE A 54 -17.15 0.55 2.55
CA PHE A 54 -16.07 -0.35 2.15
C PHE A 54 -16.51 -1.41 1.13
N LEU A 55 -15.66 -1.64 0.12
CA LEU A 55 -15.98 -2.58 -0.94
C LEU A 55 -14.85 -3.60 -1.08
N ASN A 56 -15.03 -4.81 -0.57
CA ASN A 56 -13.95 -5.80 -0.55
C ASN A 56 -13.59 -6.31 -1.95
N ARG A 57 -12.53 -7.11 -2.04
CA ARG A 57 -12.04 -7.50 -3.36
C ARG A 57 -12.93 -8.54 -4.04
N GLN A 58 -13.68 -9.29 -3.24
CA GLN A 58 -14.62 -10.27 -3.79
C GLN A 58 -15.78 -9.56 -4.47
N GLN A 59 -16.23 -8.47 -3.86
CA GLN A 59 -17.27 -7.64 -4.47
C GLN A 59 -16.75 -6.93 -5.71
N ALA A 60 -15.47 -6.55 -5.68
CA ALA A 60 -14.83 -5.88 -6.81
C ALA A 60 -14.66 -6.85 -7.98
N TYR A 61 -14.31 -8.10 -7.69
CA TYR A 61 -14.22 -9.13 -8.71
C TYR A 61 -15.58 -9.38 -9.33
N ASP A 62 -16.62 -9.45 -8.50
CA ASP A 62 -17.96 -9.74 -9.00
C ASP A 62 -18.53 -8.61 -9.86
N ASP A 63 -18.37 -7.36 -9.42
CA ASP A 63 -18.83 -6.22 -10.19
C ASP A 63 -18.16 -6.15 -11.56
N ALA A 64 -16.87 -6.43 -11.58
CA ALA A 64 -16.09 -6.35 -12.82
C ALA A 64 -16.40 -7.48 -13.80
N ILE A 65 -16.50 -8.70 -13.30
CA ILE A 65 -16.81 -9.85 -14.14
C ILE A 65 -18.27 -9.77 -14.61
N ARG A 66 -19.11 -9.14 -13.79
CA ARG A 66 -20.50 -8.88 -14.17
C ARG A 66 -20.55 -8.03 -15.43
N LYS A 67 -19.64 -7.07 -15.52
CA LYS A 67 -19.57 -6.16 -16.66
C LYS A 67 -18.69 -6.70 -17.80
N PHE A 68 -17.65 -7.45 -17.44
CA PHE A 68 -16.74 -7.99 -18.44
C PHE A 68 -16.38 -9.45 -18.17
N PRO A 69 -17.33 -10.36 -18.45
CA PRO A 69 -17.05 -11.79 -18.22
C PRO A 69 -15.91 -12.30 -19.11
N GLN A 70 -15.47 -11.49 -20.08
CA GLN A 70 -14.34 -11.84 -20.93
C GLN A 70 -13.06 -12.01 -20.10
N PHE A 71 -12.94 -11.25 -19.02
CA PHE A 71 -11.75 -11.27 -18.17
C PHE A 71 -11.70 -12.50 -17.27
N LYS A 72 -12.79 -13.23 -17.18
CA LYS A 72 -12.88 -14.42 -16.33
C LYS A 72 -11.81 -15.46 -16.70
N ASP A 73 -11.32 -15.37 -17.94
CA ASP A 73 -10.24 -16.24 -18.41
C ASP A 73 -9.00 -16.10 -17.55
N VAL A 74 -8.57 -14.84 -17.37
CA VAL A 74 -7.26 -14.54 -16.82
C VAL A 74 -7.27 -13.89 -15.44
N ALA A 75 -8.42 -13.34 -15.05
CA ALA A 75 -8.53 -12.63 -13.78
C ALA A 75 -8.70 -13.57 -12.59
N GLY A 76 -7.83 -13.43 -11.59
CA GLY A 76 -8.00 -14.13 -10.33
C GLY A 76 -8.66 -13.21 -9.33
N LYS A 77 -8.81 -13.66 -8.09
CA LYS A 77 -9.40 -12.81 -7.05
C LYS A 77 -8.41 -11.72 -6.63
N ASP A 78 -7.17 -11.85 -7.08
CA ASP A 78 -6.12 -10.90 -6.77
C ASP A 78 -5.97 -9.82 -7.85
N SER A 79 -6.80 -9.90 -8.89
CA SER A 79 -6.71 -8.99 -10.02
C SER A 79 -7.45 -7.67 -9.78
N PHE A 80 -8.37 -7.69 -8.81
CA PHE A 80 -9.18 -6.52 -8.50
C PHE A 80 -8.97 -6.04 -7.06
N PRO A 81 -8.59 -4.77 -6.90
CA PRO A 81 -8.34 -4.17 -5.58
C PRO A 81 -9.63 -3.80 -4.87
N ALA A 82 -9.63 -3.86 -3.54
CA ALA A 82 -10.77 -3.38 -2.77
C ALA A 82 -10.81 -1.86 -2.87
N SER A 83 -11.83 -1.25 -2.30
CA SER A 83 -11.96 0.20 -2.40
C SER A 83 -12.78 0.80 -1.28
N PHE A 84 -12.67 2.11 -1.12
CA PHE A 84 -13.62 2.84 -0.31
C PHE A 84 -14.52 3.62 -1.25
N ILE A 85 -15.83 3.47 -1.10
CA ILE A 85 -16.78 4.30 -1.82
C ILE A 85 -17.10 5.49 -0.92
N VAL A 86 -16.68 6.69 -1.34
CA VAL A 86 -16.73 7.87 -0.48
C VAL A 86 -17.74 8.91 -0.95
N LYS A 87 -18.68 9.27 -0.08
CA LYS A 87 -19.68 10.28 -0.37
C LYS A 87 -19.19 11.65 0.13
N LEU A 88 -18.86 12.54 -0.81
CA LEU A 88 -18.37 13.88 -0.44
C LEU A 88 -19.49 14.86 -0.09
N GLU A 89 -19.16 15.84 0.76
CA GLU A 89 -20.08 16.92 1.10
C GLU A 89 -20.41 17.79 -0.12
N ASN A 90 -19.39 18.06 -0.93
CA ASN A 90 -19.54 18.88 -2.13
C ASN A 90 -18.91 18.20 -3.35
N PRO A 91 -19.66 17.26 -3.96
CA PRO A 91 -19.20 16.38 -5.04
C PRO A 91 -18.60 17.08 -6.25
N GLU A 92 -19.15 18.22 -6.64
CA GLU A 92 -18.63 18.97 -7.80
C GLU A 92 -17.18 19.41 -7.56
N GLN A 93 -16.85 19.65 -6.30
CA GLN A 93 -15.52 20.07 -5.93
C GLN A 93 -14.78 18.92 -5.24
N HIS A 94 -14.17 18.06 -6.05
CA HIS A 94 -13.53 16.84 -5.57
C HIS A 94 -12.05 16.77 -5.92
N LYS A 95 -11.48 17.84 -6.49
CA LYS A 95 -10.13 17.78 -7.04
C LYS A 95 -9.03 17.73 -5.97
N ASP A 96 -9.23 18.45 -4.88
CA ASP A 96 -8.27 18.43 -3.78
C ASP A 96 -8.39 17.14 -2.98
N PHE A 97 -9.60 16.58 -2.91
CA PHE A 97 -9.82 15.30 -2.24
C PHE A 97 -9.06 14.20 -2.98
N ASP A 98 -9.24 14.17 -4.30
CA ASP A 98 -8.55 13.20 -5.15
C ASP A 98 -7.05 13.22 -4.91
N THR A 99 -6.49 14.42 -4.90
CA THR A 99 -5.05 14.59 -4.71
C THR A 99 -4.61 14.15 -3.30
N ALA A 100 -5.42 14.49 -2.29
CA ALA A 100 -5.12 14.08 -0.91
C ALA A 100 -5.04 12.57 -0.81
N MET A 101 -6.03 11.89 -1.38
CA MET A 101 -6.08 10.44 -1.34
C MET A 101 -4.90 9.79 -2.08
N LYS A 102 -4.55 10.36 -3.22
CA LYS A 102 -3.44 9.82 -4.02
C LYS A 102 -2.13 9.90 -3.23
N GLY A 103 -2.01 10.88 -2.34
CA GLY A 103 -0.82 11.01 -1.52
C GLY A 103 -0.87 10.28 -0.19
N GLN A 104 -1.90 9.45 -0.01
CA GLN A 104 -2.08 8.73 1.24
C GLN A 104 -1.55 7.29 1.18
N PRO A 105 -0.70 6.91 2.14
CA PRO A 105 -0.21 5.53 2.20
C PRO A 105 -1.38 4.57 2.29
N GLY A 106 -1.34 3.50 1.48
CA GLY A 106 -2.44 2.55 1.46
C GLY A 106 -3.40 2.76 0.29
N VAL A 107 -3.33 3.92 -0.36
CA VAL A 107 -4.19 4.22 -1.49
C VAL A 107 -3.51 3.94 -2.83
N LEU A 108 -4.13 3.07 -3.64
CA LEU A 108 -3.59 2.71 -4.94
C LEU A 108 -3.91 3.75 -6.01
N ASP A 109 -5.18 4.18 -6.05
CA ASP A 109 -5.65 5.11 -7.07
C ASP A 109 -7.05 5.63 -6.76
N VAL A 110 -7.47 6.69 -7.47
CA VAL A 110 -8.81 7.25 -7.35
C VAL A 110 -9.50 7.19 -8.72
N LEU A 111 -10.78 6.80 -8.76
CA LEU A 111 -11.52 6.70 -10.02
C LEU A 111 -11.53 8.03 -10.78
N ASN A 112 -11.51 7.94 -12.12
CA ASN A 112 -11.31 9.06 -13.04
C ASN A 112 -9.84 9.44 -13.18
N VAL B 14 22.62 -4.87 12.00
CA VAL B 14 21.27 -5.42 11.93
C VAL B 14 20.25 -4.32 11.62
N GLU B 15 19.57 -4.44 10.49
CA GLU B 15 18.54 -3.47 10.10
C GLU B 15 17.25 -4.17 9.72
N SER B 16 16.12 -3.49 9.89
CA SER B 16 14.82 -4.04 9.52
C SER B 16 14.50 -3.68 8.07
N GLN B 17 13.65 -4.48 7.44
CA GLN B 17 13.29 -4.23 6.05
C GLN B 17 11.76 -4.25 5.92
N VAL B 18 11.21 -3.10 5.55
CA VAL B 18 9.77 -2.94 5.41
C VAL B 18 9.40 -2.90 3.93
N PHE B 19 8.74 -3.96 3.44
CA PHE B 19 8.41 -4.07 2.02
C PHE B 19 7.20 -3.21 1.63
N LEU B 20 7.26 -2.55 0.48
CA LEU B 20 6.16 -1.72 0.01
C LEU B 20 5.30 -2.46 -1.03
N THR B 21 4.26 -1.80 -1.52
CA THR B 21 3.30 -2.45 -2.40
C THR B 21 3.71 -2.38 -3.88
N GLU B 22 3.07 -3.21 -4.71
CA GLU B 22 3.47 -3.42 -6.11
C GLU B 22 3.54 -2.16 -6.97
N ASP B 23 2.49 -1.33 -6.93
CA ASP B 23 2.46 -0.16 -7.80
C ASP B 23 3.53 0.85 -7.45
N VAL B 24 3.87 0.96 -6.17
CA VAL B 24 4.96 1.82 -5.74
C VAL B 24 6.27 1.19 -6.20
N SER B 25 6.34 -0.13 -6.12
CA SER B 25 7.54 -0.86 -6.53
C SER B 25 7.82 -0.69 -8.03
N ALA B 26 6.76 -0.67 -8.83
CA ALA B 26 6.90 -0.65 -10.29
C ALA B 26 7.14 0.75 -10.84
N ASN B 27 6.57 1.74 -10.16
CA ASN B 27 6.46 3.09 -10.74
C ASN B 27 7.23 4.20 -10.02
N ASP B 28 7.66 3.93 -8.79
CA ASP B 28 8.42 4.92 -8.02
C ASP B 28 9.82 4.39 -7.71
N SER B 29 10.80 4.92 -8.43
CA SER B 29 12.16 4.43 -8.33
C SER B 29 13.00 5.23 -7.32
N SER B 30 12.42 6.32 -6.81
CA SER B 30 13.15 7.19 -5.88
C SER B 30 12.34 7.60 -4.66
N CYS B 31 11.18 6.98 -4.45
CA CYS B 31 10.28 7.36 -3.36
C CYS B 31 9.92 8.85 -3.48
N ASP B 32 9.41 9.24 -4.65
CA ASP B 32 9.02 10.64 -4.87
C ASP B 32 7.53 10.79 -5.05
N THR B 33 6.80 9.68 -5.03
CA THR B 33 5.35 9.75 -4.91
C THR B 33 5.07 10.26 -3.51
N THR B 34 3.99 11.04 -3.37
CA THR B 34 3.65 11.63 -2.08
C THR B 34 3.39 10.57 -1.02
N ALA B 35 2.82 9.44 -1.44
CA ALA B 35 2.47 8.39 -0.50
C ALA B 35 3.70 7.70 0.04
N CYS B 36 4.67 7.47 -0.82
CA CYS B 36 5.91 6.82 -0.39
C CYS B 36 6.68 7.73 0.56
N LYS B 37 6.66 9.03 0.29
CA LYS B 37 7.33 10.02 1.15
C LYS B 37 6.61 10.11 2.48
N ALA B 38 5.28 10.20 2.42
CA ALA B 38 4.46 10.23 3.62
C ALA B 38 4.67 8.98 4.47
N LEU B 39 4.92 7.85 3.80
CA LEU B 39 5.12 6.59 4.50
C LEU B 39 6.50 6.56 5.13
N ARG B 40 7.48 7.18 4.47
CA ARG B 40 8.82 7.28 5.03
C ARG B 40 8.77 8.14 6.29
N GLU B 41 8.00 9.21 6.23
CA GLU B 41 7.86 10.12 7.37
C GLU B 41 7.16 9.41 8.52
N LYS B 42 6.09 8.68 8.22
CA LYS B 42 5.34 7.93 9.22
C LYS B 42 6.25 7.00 10.01
N ILE B 43 7.13 6.30 9.30
CA ILE B 43 8.06 5.38 9.93
C ILE B 43 9.07 6.16 10.78
N GLU B 44 9.55 7.27 10.25
CA GLU B 44 10.53 8.10 10.95
C GLU B 44 10.02 8.67 12.27
N THR B 45 8.69 8.77 12.41
CA THR B 45 8.10 9.26 13.66
C THR B 45 8.17 8.26 14.81
N ARG B 46 8.44 6.99 14.49
CA ARG B 46 8.49 5.94 15.52
C ARG B 46 9.50 6.30 16.61
N SER B 47 9.15 6.03 17.87
CA SER B 47 10.08 6.30 18.97
C SER B 47 11.29 5.35 18.94
N ASP B 48 11.17 4.26 18.20
CA ASP B 48 12.25 3.26 18.16
C ASP B 48 13.05 3.25 16.85
N VAL B 49 12.81 4.25 15.98
CA VAL B 49 13.48 4.32 14.69
C VAL B 49 14.50 5.46 14.65
N LYS B 50 15.72 5.18 14.19
CA LYS B 50 16.76 6.20 14.10
C LYS B 50 17.00 6.67 12.66
N ALA B 51 16.78 5.78 11.71
CA ALA B 51 17.07 6.09 10.31
C ALA B 51 16.22 5.23 9.38
N VAL B 52 15.82 5.82 8.26
CA VAL B 52 15.00 5.13 7.27
C VAL B 52 15.59 5.39 5.88
N ARG B 53 15.94 4.31 5.18
CA ARG B 53 16.56 4.42 3.86
C ARG B 53 15.73 3.67 2.81
N PHE B 54 15.42 4.34 1.71
CA PHE B 54 14.62 3.73 0.65
C PHE B 54 15.48 2.89 -0.30
N LEU B 55 15.02 1.69 -0.60
CA LEU B 55 15.71 0.81 -1.54
C LEU B 55 14.73 0.39 -2.63
N ASN B 56 14.98 0.81 -3.87
CA ASN B 56 14.01 0.55 -4.93
C ASN B 56 14.03 -0.89 -5.46
N ARG B 57 13.10 -1.20 -6.36
CA ARG B 57 12.97 -2.55 -6.90
C ARG B 57 14.22 -3.00 -7.65
N GLN B 58 14.73 -2.15 -8.55
CA GLN B 58 15.90 -2.48 -9.35
C GLN B 58 17.13 -2.77 -8.48
N GLN B 59 17.40 -1.87 -7.54
CA GLN B 59 18.58 -1.97 -6.67
C GLN B 59 18.51 -3.22 -5.81
N ALA B 60 17.32 -3.51 -5.28
CA ALA B 60 17.14 -4.67 -4.40
C ALA B 60 17.36 -5.97 -5.17
N TYR B 61 16.92 -5.98 -6.43
CA TYR B 61 17.15 -7.14 -7.29
C TYR B 61 18.64 -7.29 -7.55
N ASP B 62 19.29 -6.17 -7.87
CA ASP B 62 20.74 -6.18 -8.15
C ASP B 62 21.55 -6.66 -6.95
N ASP B 63 21.18 -6.19 -5.76
CA ASP B 63 21.88 -6.57 -4.53
C ASP B 63 21.74 -8.06 -4.25
N ALA B 64 20.55 -8.58 -4.50
CA ALA B 64 20.28 -10.00 -4.24
C ALA B 64 20.99 -10.90 -5.24
N ILE B 65 20.88 -10.57 -6.52
CA ILE B 65 21.53 -11.32 -7.60
C ILE B 65 23.04 -11.41 -7.37
N ARG B 66 23.63 -10.31 -6.93
CA ARG B 66 25.05 -10.29 -6.58
C ARG B 66 25.35 -11.33 -5.49
N LYS B 67 24.65 -11.20 -4.37
CA LYS B 67 24.86 -12.07 -3.21
C LYS B 67 24.59 -13.55 -3.50
N PHE B 68 23.80 -13.81 -4.54
CA PHE B 68 23.51 -15.17 -4.97
C PHE B 68 23.41 -15.16 -6.49
N PRO B 69 24.53 -15.41 -7.18
CA PRO B 69 24.59 -15.31 -8.64
C PRO B 69 23.95 -16.47 -9.43
N GLN B 70 23.25 -17.37 -8.77
CA GLN B 70 22.66 -18.54 -9.47
C GLN B 70 21.23 -18.36 -10.00
N PHE B 71 20.61 -17.23 -9.72
CA PHE B 71 19.25 -16.94 -10.22
C PHE B 71 19.27 -15.78 -11.21
N LYS B 72 20.44 -15.48 -11.76
CA LYS B 72 20.63 -14.35 -12.67
C LYS B 72 19.63 -14.32 -13.84
N ASP B 73 19.23 -15.49 -14.28
CA ASP B 73 18.25 -15.56 -15.33
C ASP B 73 16.91 -15.82 -14.74
N VAL B 74 16.83 -16.80 -13.87
CA VAL B 74 15.60 -17.33 -13.33
C VAL B 74 14.74 -16.26 -12.67
N ALA B 75 15.35 -15.53 -11.77
CA ALA B 75 14.62 -14.56 -10.99
C ALA B 75 14.64 -13.23 -11.64
N GLY B 76 13.50 -12.61 -11.67
CA GLY B 76 13.34 -11.26 -12.21
C GLY B 76 13.10 -10.23 -11.11
N LYS B 77 13.36 -8.97 -11.42
CA LYS B 77 13.26 -7.89 -10.44
C LYS B 77 11.85 -7.68 -9.90
N ASP B 78 10.86 -8.14 -10.67
CA ASP B 78 9.47 -7.96 -10.29
C ASP B 78 9.06 -8.83 -9.11
N SER B 79 9.94 -9.74 -8.72
CA SER B 79 9.74 -10.54 -7.51
C SER B 79 10.24 -9.77 -6.28
N PHE B 80 10.92 -8.65 -6.53
CA PHE B 80 11.50 -7.85 -5.46
C PHE B 80 10.76 -6.54 -5.22
N PRO B 81 10.11 -6.40 -4.05
CA PRO B 81 9.42 -5.17 -3.70
C PRO B 81 10.42 -4.07 -3.36
N ALA B 82 10.04 -2.82 -3.60
CA ALA B 82 10.79 -1.70 -3.05
C ALA B 82 10.60 -1.76 -1.54
N SER B 83 11.48 -1.13 -0.79
CA SER B 83 11.39 -1.22 0.66
C SER B 83 12.08 -0.07 1.37
N PHE B 84 11.84 0.03 2.66
CA PHE B 84 12.62 0.93 3.50
C PHE B 84 13.57 0.11 4.38
N ILE B 85 14.85 0.40 4.32
CA ILE B 85 15.80 -0.24 5.23
C ILE B 85 15.82 0.61 6.49
N VAL B 86 15.49 0.01 7.63
CA VAL B 86 15.21 0.78 8.84
C VAL B 86 16.17 0.43 9.99
N LYS B 87 16.88 1.44 10.46
CA LYS B 87 17.79 1.29 11.60
C LYS B 87 17.03 1.59 12.90
N LEU B 88 16.92 0.59 13.76
CA LEU B 88 16.16 0.74 15.00
C LEU B 88 17.05 1.20 16.17
N GLU B 89 16.43 1.76 17.20
CA GLU B 89 17.13 2.17 18.42
C GLU B 89 17.82 0.98 19.06
N ASN B 90 17.06 -0.10 19.26
CA ASN B 90 17.61 -1.37 19.75
C ASN B 90 17.01 -2.54 19.00
N PRO B 91 17.79 -3.13 18.09
CA PRO B 91 17.33 -4.18 17.17
C PRO B 91 16.90 -5.49 17.85
N GLU B 92 17.23 -5.68 19.11
CA GLU B 92 16.69 -6.78 19.88
C GLU B 92 15.24 -6.55 20.30
N GLN B 93 14.85 -5.32 20.48
CA GLN B 93 13.46 -5.00 20.68
C GLN B 93 12.84 -4.50 19.37
N HIS B 94 12.46 -5.41 18.49
CA HIS B 94 11.91 -5.05 17.20
C HIS B 94 10.46 -5.43 17.08
N LYS B 95 9.99 -6.10 18.09
CA LYS B 95 8.64 -6.65 18.11
C LYS B 95 7.55 -5.59 17.96
N ASP B 96 7.63 -4.53 18.75
CA ASP B 96 6.68 -3.42 18.68
C ASP B 96 6.69 -2.78 17.29
N PHE B 97 7.89 -2.56 16.77
CA PHE B 97 8.06 -1.98 15.45
C PHE B 97 7.42 -2.84 14.36
N ASP B 98 7.75 -4.14 14.35
CA ASP B 98 7.18 -5.06 13.36
C ASP B 98 5.66 -5.04 13.42
N THR B 99 5.11 -5.02 14.63
CA THR B 99 3.67 -4.99 14.81
C THR B 99 3.06 -3.73 14.21
N ALA B 100 3.67 -2.58 14.50
CA ALA B 100 3.16 -1.32 13.99
C ALA B 100 3.19 -1.30 12.47
N MET B 101 4.31 -1.77 11.90
CA MET B 101 4.47 -1.79 10.45
C MET B 101 3.41 -2.63 9.76
N LYS B 102 3.14 -3.82 10.30
CA LYS B 102 2.09 -4.69 9.76
C LYS B 102 0.70 -4.07 9.87
N GLY B 103 0.53 -3.15 10.82
CA GLY B 103 -0.73 -2.43 10.96
C GLY B 103 -0.75 -1.14 10.17
N GLN B 104 0.35 -0.83 9.50
CA GLN B 104 0.47 0.40 8.72
C GLN B 104 0.03 0.21 7.27
N PRO B 105 -0.99 0.97 6.84
CA PRO B 105 -1.45 0.90 5.45
C PRO B 105 -0.33 1.25 4.46
N GLY B 106 -0.21 0.48 3.39
CA GLY B 106 0.82 0.75 2.40
C GLY B 106 2.10 -0.04 2.65
N VAL B 107 2.10 -0.82 3.72
CA VAL B 107 3.23 -1.70 4.02
C VAL B 107 2.85 -3.14 3.70
N LEU B 108 3.54 -3.74 2.73
CA LEU B 108 3.23 -5.11 2.32
C LEU B 108 3.53 -6.11 3.43
N ASP B 109 4.76 -6.08 3.92
CA ASP B 109 5.23 -7.02 4.94
C ASP B 109 6.49 -6.48 5.61
N VAL B 110 6.96 -7.18 6.64
CA VAL B 110 8.24 -6.88 7.29
C VAL B 110 9.08 -8.15 7.28
N LEU B 111 10.35 -8.03 6.88
CA LEU B 111 11.22 -9.21 6.78
C LEU B 111 11.36 -9.90 8.14
N ASN B 112 10.98 -11.17 8.18
CA ASN B 112 11.06 -11.94 9.41
C ASN B 112 12.41 -12.65 9.53
BR BR C . -12.64 -10.47 0.21
BR BR D . -19.29 -0.72 4.90
BR BR E . -0.72 6.88 7.24
K K F . -16.46 14.07 8.17
BR BR G . 13.34 0.58 -9.53
K K H . 0.47 -3.31 6.59
K K I . 12.28 8.69 15.57
K K J . 12.08 11.65 -1.73
#